data_6YG6
#
_entry.id   6YG6
#
_cell.length_a   72.651
_cell.length_b   69.934
_cell.length_c   73.763
_cell.angle_alpha   90.000
_cell.angle_beta   119.360
_cell.angle_gamma   90.000
#
_symmetry.space_group_name_H-M   'P 1 21 1'
#
loop_
_entity.id
_entity.type
_entity.pdbx_description
1 polymer 'Dual specificity mitogen-activated protein kinase kinase 7'
2 non-polymer 1,2-ETHANEDIOL
3 non-polymer ~{N}-[4-[(4-ethylpiperazin-1-yl)methyl]-3-(trifluoromethyl)phenyl]-4-methyl-3-[2-[[(3~{S})-1-propanoylpyrrolidin-3-yl]amino]pyrimidin-4-yl]oxy-benzamide
4 water water
#
_entity_poly.entity_id   1
_entity_poly.type   'polypeptide(L)'
_entity_poly.pdbx_seq_one_letter_code
;SMKQTGYLTIGGQRYQAEINDLENLGEMGSGTCGQVWKMRFRKTGHVIAVKQMRRSGNKEENKRILMDLDVVLKSHDCPY
IVQCFGTFITNTDVFIAMELMGTCAEKLKKRMQGPIPERILGKMTVAIVKALYYLKEKHGVIHRDVKPSNILLDERGQIK
LCDFGISGRLVDDKAKDRSAGCAAYMAPERIDPPDPTKPDYDIRADVWSLGISLVELATGQFPYKNCKTDFEVLTKVLQE
EPPLLPGHMGFSGDFQSFVKDCLTKDHRKRPKYNKLLEHSFIKRYETLEVDVASWFKDVMAKTESPR
;
_entity_poly.pdbx_strand_id   A,B
#
# COMPACT_ATOMS: atom_id res chain seq x y z
N THR A 5 17.70 24.94 20.08
CA THR A 5 17.97 24.01 21.22
C THR A 5 17.23 22.67 21.06
N GLY A 6 15.98 22.78 20.63
CA GLY A 6 15.19 21.63 20.23
C GLY A 6 13.94 22.13 19.54
N TYR A 7 13.40 21.32 18.64
CA TYR A 7 12.24 21.71 17.90
C TYR A 7 11.21 20.66 18.19
N LEU A 8 9.99 21.10 18.51
CA LEU A 8 8.82 20.23 18.62
C LEU A 8 7.87 20.52 17.46
N THR A 9 7.51 19.48 16.73
CA THR A 9 6.56 19.58 15.63
C THR A 9 5.27 18.91 16.09
N ILE A 10 4.27 19.75 16.36
CA ILE A 10 2.97 19.31 16.84
C ILE A 10 1.90 19.95 15.98
N GLY A 11 1.02 19.12 15.42
CA GLY A 11 -0.10 19.60 14.62
C GLY A 11 0.26 20.50 13.46
N GLY A 12 1.37 20.19 12.80
CA GLY A 12 1.82 20.94 11.61
C GLY A 12 2.64 22.18 11.92
N GLN A 13 2.81 22.52 13.20
CA GLN A 13 3.54 23.72 13.59
C GLN A 13 4.82 23.30 14.29
N ARG A 14 5.92 23.97 13.93
CA ARG A 14 7.22 23.71 14.52
C ARG A 14 7.58 24.79 15.52
N TYR A 15 7.64 24.42 16.80
CA TYR A 15 7.96 25.34 17.90
C TYR A 15 9.41 25.14 18.29
N GLN A 16 10.16 26.24 18.38
CA GLN A 16 11.43 26.20 19.09
C GLN A 16 11.08 25.95 20.56
N ALA A 17 11.93 25.20 21.22
CA ALA A 17 11.61 24.74 22.54
C ALA A 17 12.91 24.41 23.21
N GLU A 18 12.95 24.61 24.51
CA GLU A 18 14.07 24.20 25.33
C GLU A 18 13.62 23.10 26.23
N ILE A 19 14.58 22.38 26.80
CA ILE A 19 14.31 21.32 27.77
C ILE A 19 13.56 21.87 29.01
N ASN A 20 13.80 23.12 29.39
CA ASN A 20 13.04 23.71 30.51
C ASN A 20 11.57 24.14 30.17
N ASP A 21 11.22 24.20 28.87
CA ASP A 21 9.81 24.36 28.43
C ASP A 21 8.97 23.15 28.71
N LEU A 22 9.61 22.09 29.22
CA LEU A 22 8.91 20.88 29.56
C LEU A 22 8.77 20.81 31.06
N GLU A 23 7.53 20.80 31.54
CA GLU A 23 7.22 20.61 32.94
C GLU A 23 7.03 19.12 33.18
N ASN A 24 7.71 18.60 34.18
CA ASN A 24 7.67 17.19 34.53
C ASN A 24 6.43 16.91 35.37
N LEU A 25 5.57 16.03 34.87
CA LEU A 25 4.35 15.58 35.57
C LEU A 25 4.51 14.17 36.20
N GLY A 26 5.71 13.57 36.10
CA GLY A 26 6.02 12.30 36.77
C GLY A 26 6.46 11.22 35.81
N GLU A 27 6.94 10.12 36.37
CA GLU A 27 7.44 8.98 35.59
C GLU A 27 6.30 8.07 35.14
N MET A 28 6.51 7.40 34.02
CA MET A 28 5.60 6.39 33.52
C MET A 28 6.22 5.00 33.30
N GLY A 29 7.52 4.94 33.06
CA GLY A 29 8.23 3.63 32.92
C GLY A 29 8.42 2.89 34.25
N SER A 30 9.62 2.34 34.45
CA SER A 30 10.07 1.86 35.76
C SER A 30 11.58 1.65 35.76
N GLY A 34 17.81 4.74 30.36
CA GLY A 34 16.47 4.94 29.82
C GLY A 34 15.47 5.24 30.94
N GLN A 35 14.70 6.31 30.77
CA GLN A 35 13.59 6.66 31.67
C GLN A 35 12.52 7.48 30.90
N VAL A 36 11.25 7.27 31.24
CA VAL A 36 10.13 7.91 30.55
C VAL A 36 9.32 8.77 31.50
N TRP A 37 8.96 9.96 31.03
CA TRP A 37 8.25 10.96 31.84
C TRP A 37 7.01 11.45 31.09
N LYS A 38 5.94 11.71 31.83
CA LYS A 38 4.79 12.50 31.34
C LYS A 38 5.17 13.94 31.57
N MET A 39 5.10 14.75 30.50
CA MET A 39 5.47 16.17 30.57
C MET A 39 4.47 17.08 29.88
N ARG A 40 4.48 18.35 30.27
CA ARG A 40 3.63 19.36 29.69
C ARG A 40 4.49 20.34 28.95
N PHE A 41 4.22 20.53 27.64
CA PHE A 41 4.90 21.54 26.86
C PHE A 41 4.24 22.88 27.16
N ARG A 42 5.00 23.77 27.81
CA ARG A 42 4.44 25.02 28.37
C ARG A 42 3.86 25.98 27.33
N LYS A 43 4.39 25.94 26.12
CA LYS A 43 3.93 26.83 25.04
C LYS A 43 2.54 26.53 24.54
N THR A 44 2.18 25.24 24.41
CA THR A 44 0.85 24.85 23.92
C THR A 44 -0.06 24.16 24.97
N GLY A 45 0.48 23.80 26.12
CA GLY A 45 -0.27 22.99 27.07
C GLY A 45 -0.37 21.49 26.74
N HIS A 46 0.12 21.05 25.59
CA HIS A 46 0.06 19.60 25.29
C HIS A 46 0.76 18.74 26.35
N VAL A 47 0.09 17.68 26.80
CA VAL A 47 0.71 16.69 27.68
C VAL A 47 1.29 15.60 26.78
N ILE A 48 2.59 15.39 26.91
CA ILE A 48 3.34 14.48 26.07
C ILE A 48 4.13 13.44 26.87
N ALA A 49 4.68 12.49 26.14
CA ALA A 49 5.52 11.43 26.68
C ALA A 49 6.95 11.72 26.25
N VAL A 50 7.86 11.69 27.20
CA VAL A 50 9.26 11.96 26.91
C VAL A 50 10.18 10.86 27.45
N LYS A 51 10.96 10.25 26.57
CA LYS A 51 12.00 9.27 26.96
C LYS A 51 13.38 9.97 27.10
N GLN A 52 13.98 9.82 28.26
CA GLN A 52 15.37 10.22 28.47
C GLN A 52 16.29 9.01 28.31
N MET A 53 17.22 9.08 27.35
CA MET A 53 18.29 8.08 27.21
C MET A 53 19.64 8.70 27.39
N ARG A 54 20.53 7.95 28.03
CA ARG A 54 21.96 8.30 28.11
C ARG A 54 22.59 8.09 26.74
N ARG A 55 23.42 9.04 26.33
CA ARG A 55 24.26 8.88 25.12
C ARG A 55 25.51 8.15 25.53
N SER A 56 26.00 7.30 24.61
CA SER A 56 27.20 6.49 24.80
C SER A 56 28.45 7.14 24.19
N GLY A 57 29.61 6.74 24.69
CA GLY A 57 30.92 7.17 24.17
C GLY A 57 31.23 6.61 22.79
N ASN A 58 30.56 5.52 22.43
CA ASN A 58 30.67 4.94 21.09
C ASN A 58 29.81 5.71 20.11
N LYS A 59 30.44 6.46 19.20
CA LYS A 59 29.69 7.31 18.27
C LYS A 59 29.01 6.52 17.12
N GLU A 60 29.45 5.28 16.88
CA GLU A 60 28.71 4.35 16.01
C GLU A 60 27.43 3.81 16.66
N GLU A 61 27.39 3.73 18.00
CA GLU A 61 26.15 3.39 18.72
C GLU A 61 25.17 4.56 18.82
N ASN A 62 25.68 5.79 19.01
CA ASN A 62 24.83 6.99 18.95
C ASN A 62 24.20 7.14 17.57
N LYS A 63 24.98 6.83 16.52
CA LYS A 63 24.46 6.87 15.17
C LYS A 63 23.36 5.83 14.94
N ARG A 64 23.56 4.61 15.48
CA ARG A 64 22.55 3.54 15.37
C ARG A 64 21.20 3.95 15.97
N ILE A 65 21.22 4.59 17.13
CA ILE A 65 19.97 4.95 17.82
C ILE A 65 19.27 6.16 17.19
N LEU A 66 20.05 7.12 16.69
CA LEU A 66 19.49 8.25 15.95
C LEU A 66 18.91 7.84 14.62
N MET A 67 19.47 6.81 13.99
CA MET A 67 18.90 6.25 12.76
C MET A 67 17.51 5.65 13.03
N ASP A 68 17.38 4.90 14.12
CA ASP A 68 16.07 4.36 14.55
C ASP A 68 15.04 5.47 14.75
N LEU A 69 15.43 6.52 15.44
CA LEU A 69 14.52 7.63 15.71
C LEU A 69 14.18 8.41 14.44
N ASP A 70 15.13 8.49 13.53
CA ASP A 70 14.88 9.09 12.24
C ASP A 70 13.73 8.43 11.53
N VAL A 71 13.68 7.10 11.63
CA VAL A 71 12.59 6.36 11.03
C VAL A 71 11.23 6.79 11.64
N VAL A 72 11.14 6.82 12.97
N VAL A 72 11.15 6.80 12.98
CA VAL A 72 9.90 7.21 13.62
CA VAL A 72 9.88 7.16 13.67
C VAL A 72 9.51 8.64 13.31
C VAL A 72 9.50 8.63 13.36
N LEU A 73 10.50 9.53 13.28
CA LEU A 73 10.27 10.92 12.84
C LEU A 73 9.67 11.04 11.45
N LYS A 74 10.03 10.12 10.55
CA LYS A 74 9.44 10.09 9.21
C LYS A 74 8.26 9.10 9.05
N SER A 75 7.67 8.67 10.17
CA SER A 75 6.55 7.70 10.13
C SER A 75 5.20 8.36 10.46
N HIS A 76 5.17 9.68 10.38
CA HIS A 76 3.97 10.49 10.65
C HIS A 76 2.75 10.16 9.78
N ASP A 77 2.97 9.72 8.54
CA ASP A 77 1.88 9.28 7.62
C ASP A 77 1.35 7.84 7.87
N CYS A 78 1.87 7.14 8.88
CA CYS A 78 1.30 5.84 9.24
C CYS A 78 0.43 5.99 10.46
N PRO A 79 -0.88 5.69 10.34
CA PRO A 79 -1.77 5.85 11.51
C PRO A 79 -1.48 4.88 12.66
N TYR A 80 -0.62 3.88 12.41
CA TYR A 80 -0.46 2.79 13.35
C TYR A 80 0.90 2.75 14.03
N ILE A 81 1.64 3.86 13.91
CA ILE A 81 2.91 4.01 14.54
C ILE A 81 2.82 5.26 15.40
N VAL A 82 3.25 5.11 16.64
CA VAL A 82 3.23 6.21 17.57
C VAL A 82 3.97 7.42 16.98
N GLN A 83 3.37 8.61 17.13
CA GLN A 83 3.93 9.88 16.62
C GLN A 83 5.03 10.49 17.52
N CYS A 84 6.15 10.86 16.89
CA CYS A 84 7.24 11.56 17.53
C CYS A 84 7.18 13.06 17.17
N PHE A 85 7.31 13.92 18.17
CA PHE A 85 7.25 15.34 17.98
C PHE A 85 8.64 15.98 17.83
N GLY A 86 9.70 15.28 18.23
CA GLY A 86 11.06 15.80 18.13
C GLY A 86 11.97 15.36 19.25
N THR A 87 13.18 15.88 19.24
CA THR A 87 14.21 15.49 20.19
C THR A 87 15.02 16.66 20.70
N PHE A 88 15.61 16.47 21.88
CA PHE A 88 16.56 17.39 22.46
C PHE A 88 17.83 16.58 22.75
N ILE A 89 18.98 17.09 22.32
CA ILE A 89 20.27 16.42 22.58
C ILE A 89 21.12 17.32 23.46
N THR A 90 21.55 16.81 24.61
CA THR A 90 22.63 17.47 25.40
C THR A 90 23.92 16.64 25.19
N ASN A 91 25.00 17.00 25.88
CA ASN A 91 26.20 16.18 25.88
C ASN A 91 25.92 14.76 26.34
N THR A 92 25.15 14.62 27.43
CA THR A 92 24.92 13.33 28.09
C THR A 92 23.68 12.60 27.64
N ASP A 93 22.66 13.33 27.14
CA ASP A 93 21.31 12.77 26.99
C ASP A 93 20.62 13.07 25.67
N VAL A 94 19.78 12.15 25.25
CA VAL A 94 18.80 12.37 24.22
C VAL A 94 17.41 12.31 24.85
N PHE A 95 16.61 13.35 24.61
CA PHE A 95 15.20 13.39 25.01
C PHE A 95 14.34 13.23 23.77
N ILE A 96 13.45 12.24 23.82
CA ILE A 96 12.61 11.90 22.71
C ILE A 96 11.14 12.16 23.08
N ALA A 97 10.49 13.06 22.36
CA ALA A 97 9.15 13.54 22.72
C ALA A 97 8.12 12.93 21.78
N MET A 98 7.10 12.30 22.36
CA MET A 98 6.06 11.62 21.63
C MET A 98 4.64 12.04 22.06
N GLU A 99 3.65 11.81 21.21
CA GLU A 99 2.24 11.86 21.61
C GLU A 99 2.04 10.87 22.75
N LEU A 100 1.35 11.27 23.78
CA LEU A 100 1.07 10.37 24.91
C LEU A 100 -0.02 9.34 24.58
N MET A 101 0.30 8.06 24.65
CA MET A 101 -0.71 6.98 24.64
C MET A 101 -0.92 6.51 26.09
N GLY A 102 -2.15 6.30 26.50
CA GLY A 102 -2.47 6.03 27.88
C GLY A 102 -1.77 4.79 28.43
N THR A 103 -1.69 3.74 27.63
CA THR A 103 -1.09 2.49 28.13
C THR A 103 -0.63 1.56 27.04
N CYS A 104 -0.05 0.43 27.45
CA CYS A 104 0.34 -0.63 26.49
C CYS A 104 -0.39 -1.94 26.78
N ALA A 105 -0.35 -2.84 25.83
CA ALA A 105 -1.14 -4.07 25.94
C ALA A 105 -0.62 -4.93 27.10
N GLU A 106 0.67 -4.83 27.43
CA GLU A 106 1.20 -5.55 28.58
C GLU A 106 0.49 -5.13 29.88
N LYS A 107 0.26 -3.82 30.05
CA LYS A 107 -0.33 -3.30 31.28
C LYS A 107 -1.82 -3.54 31.28
N LEU A 108 -2.44 -3.51 30.10
CA LEU A 108 -3.84 -3.92 30.01
C LEU A 108 -4.05 -5.36 30.47
N LYS A 109 -3.19 -6.27 30.04
CA LYS A 109 -3.31 -7.66 30.45
C LYS A 109 -3.29 -7.76 31.99
N LYS A 110 -2.36 -7.06 32.64
CA LYS A 110 -2.23 -7.16 34.12
C LYS A 110 -3.41 -6.55 34.83
N ARG A 111 -3.93 -5.46 34.28
CA ARG A 111 -5.19 -4.87 34.79
C ARG A 111 -6.39 -5.81 34.59
N MET A 112 -6.51 -6.40 33.40
CA MET A 112 -7.59 -7.35 33.12
C MET A 112 -7.52 -8.58 34.03
N GLN A 113 -6.31 -8.99 34.43
CA GLN A 113 -6.07 -10.25 35.15
C GLN A 113 -6.60 -11.45 34.36
N GLY A 114 -6.44 -11.41 33.05
CA GLY A 114 -7.12 -12.36 32.16
C GLY A 114 -7.18 -11.87 30.72
N PRO A 115 -7.95 -12.54 29.88
CA PRO A 115 -7.89 -12.27 28.43
C PRO A 115 -8.39 -10.91 27.96
N ILE A 116 -7.82 -10.44 26.86
CA ILE A 116 -8.34 -9.31 26.12
C ILE A 116 -9.23 -9.89 25.03
N PRO A 117 -10.46 -9.37 24.88
CA PRO A 117 -11.36 -10.01 23.92
C PRO A 117 -10.89 -9.96 22.44
N GLU A 118 -11.37 -10.92 21.69
CA GLU A 118 -10.98 -11.12 20.31
C GLU A 118 -11.23 -9.93 19.45
N ARG A 119 -12.37 -9.25 19.63
CA ARG A 119 -12.69 -8.08 18.81
C ARG A 119 -11.68 -6.97 18.96
N ILE A 120 -11.07 -6.86 20.15
CA ILE A 120 -10.01 -5.89 20.37
C ILE A 120 -8.72 -6.35 19.69
N LEU A 121 -8.37 -7.63 19.87
CA LEU A 121 -7.15 -8.18 19.27
C LEU A 121 -7.22 -8.18 17.76
N GLY A 122 -8.42 -8.25 17.22
CA GLY A 122 -8.59 -8.16 15.78
C GLY A 122 -8.19 -6.79 15.29
N LYS A 123 -8.64 -5.76 15.97
CA LYS A 123 -8.24 -4.40 15.64
C LYS A 123 -6.76 -4.20 15.89
N MET A 124 -6.28 -4.72 16.99
CA MET A 124 -4.84 -4.67 17.28
C MET A 124 -4.03 -5.31 16.16
N THR A 125 -4.49 -6.44 15.66
CA THR A 125 -3.75 -7.19 14.66
C THR A 125 -3.66 -6.40 13.35
N VAL A 126 -4.76 -5.77 12.96
CA VAL A 126 -4.76 -4.99 11.74
C VAL A 126 -3.72 -3.85 11.86
N ALA A 127 -3.72 -3.21 13.01
CA ALA A 127 -2.86 -2.03 13.25
C ALA A 127 -1.40 -2.40 13.26
N ILE A 128 -1.05 -3.45 13.99
CA ILE A 128 0.35 -3.85 14.11
C ILE A 128 0.89 -4.43 12.82
N VAL A 129 0.11 -5.23 12.11
CA VAL A 129 0.59 -5.76 10.84
C VAL A 129 0.80 -4.64 9.88
N LYS A 130 -0.14 -3.69 9.81
CA LYS A 130 0.03 -2.57 8.87
C LYS A 130 1.21 -1.66 9.24
N ALA A 131 1.44 -1.49 10.55
CA ALA A 131 2.61 -0.73 11.01
C ALA A 131 3.93 -1.42 10.60
N LEU A 132 4.00 -2.74 10.76
CA LEU A 132 5.21 -3.50 10.43
C LEU A 132 5.46 -3.49 8.97
N TYR A 133 4.38 -3.62 8.20
CA TYR A 133 4.46 -3.59 6.76
C TYR A 133 4.96 -2.25 6.29
N TYR A 134 4.41 -1.18 6.86
CA TYR A 134 4.83 0.19 6.56
C TYR A 134 6.31 0.38 6.82
N LEU A 135 6.77 -0.03 7.99
CA LEU A 135 8.21 0.09 8.33
C LEU A 135 9.10 -0.62 7.32
N LYS A 136 8.69 -1.82 6.92
CA LYS A 136 9.48 -2.57 5.96
C LYS A 136 9.43 -1.91 4.58
N GLU A 137 8.24 -1.59 4.10
CA GLU A 137 8.06 -1.11 2.73
C GLU A 137 8.54 0.31 2.50
N LYS A 138 8.24 1.19 3.44
CA LYS A 138 8.59 2.58 3.31
C LYS A 138 10.01 2.90 3.79
N HIS A 139 10.50 2.19 4.80
CA HIS A 139 11.78 2.55 5.40
C HIS A 139 12.82 1.45 5.38
N GLY A 140 12.46 0.27 4.88
CA GLY A 140 13.41 -0.82 4.73
C GLY A 140 13.81 -1.43 6.06
N VAL A 141 12.94 -1.31 7.06
CA VAL A 141 13.30 -1.52 8.44
C VAL A 141 12.44 -2.62 9.08
N ILE A 142 13.07 -3.38 9.95
CA ILE A 142 12.44 -4.45 10.72
C ILE A 142 12.34 -3.95 12.15
N HIS A 143 11.28 -4.27 12.86
CA HIS A 143 11.10 -3.81 14.24
C HIS A 143 12.02 -4.56 15.18
N ARG A 144 11.95 -5.88 15.15
CA ARG A 144 12.79 -6.82 15.96
C ARG A 144 12.37 -7.05 17.42
N ASP A 145 11.30 -6.40 17.88
CA ASP A 145 10.93 -6.52 19.29
C ASP A 145 9.43 -6.35 19.48
N VAL A 146 8.67 -7.08 18.68
CA VAL A 146 7.22 -7.08 18.79
C VAL A 146 6.83 -7.86 20.01
N LYS A 147 6.05 -7.26 20.88
CA LYS A 147 5.58 -7.88 22.10
C LYS A 147 4.58 -6.92 22.73
N PRO A 148 3.81 -7.36 23.74
CA PRO A 148 2.72 -6.51 24.23
C PRO A 148 3.11 -5.16 24.82
N SER A 149 4.32 -5.04 25.36
CA SER A 149 4.75 -3.80 25.96
C SER A 149 5.06 -2.75 24.88
N ASN A 150 5.14 -3.16 23.62
CA ASN A 150 5.36 -2.28 22.50
C ASN A 150 4.13 -2.09 21.65
N ILE A 151 2.99 -2.41 22.20
CA ILE A 151 1.72 -2.15 21.55
C ILE A 151 0.97 -1.16 22.45
N LEU A 152 0.77 0.05 21.92
CA LEU A 152 0.16 1.13 22.73
C LEU A 152 -1.31 1.24 22.39
N LEU A 153 -2.11 1.56 23.42
CA LEU A 153 -3.55 1.87 23.29
C LEU A 153 -3.89 3.21 24.00
N ASP A 154 -4.89 3.93 23.50
CA ASP A 154 -5.33 5.20 24.13
C ASP A 154 -6.83 5.25 24.25
N GLU A 155 -7.30 6.27 24.98
CA GLU A 155 -8.71 6.57 25.19
C GLU A 155 -9.53 6.82 23.95
N ARG A 156 -8.90 7.25 22.86
CA ARG A 156 -9.58 7.46 21.59
C ARG A 156 -9.74 6.19 20.76
N GLY A 157 -9.23 5.06 21.28
CA GLY A 157 -9.37 3.78 20.62
C GLY A 157 -8.29 3.46 19.64
N GLN A 158 -7.23 4.28 19.60
CA GLN A 158 -6.13 4.03 18.69
C GLN A 158 -5.23 2.93 19.25
N ILE A 159 -4.65 2.18 18.35
CA ILE A 159 -3.70 1.13 18.70
C ILE A 159 -2.49 1.36 17.83
N LYS A 160 -1.33 1.49 18.46
CA LYS A 160 -0.12 1.80 17.71
C LYS A 160 1.08 0.96 18.17
N LEU A 161 1.97 0.72 17.23
CA LEU A 161 3.24 0.09 17.47
C LEU A 161 4.21 1.17 17.95
N CYS A 162 5.03 0.80 18.93
CA CYS A 162 6.07 1.65 19.44
C CYS A 162 7.31 0.79 19.70
N ASP A 163 8.35 1.44 20.21
CA ASP A 163 9.45 0.75 20.82
C ASP A 163 9.74 1.40 22.17
N PHE A 164 9.20 0.79 23.21
CA PHE A 164 9.27 1.34 24.53
C PHE A 164 10.58 1.07 25.24
N GLY A 165 11.35 0.09 24.76
CA GLY A 165 12.58 -0.33 25.47
C GLY A 165 12.31 -1.59 26.29
N ALA A 180 5.14 -21.08 37.95
CA ALA A 180 5.83 -20.04 37.19
C ALA A 180 5.49 -20.12 35.68
N GLY A 181 5.66 -18.99 34.97
CA GLY A 181 5.59 -18.93 33.48
C GLY A 181 6.42 -17.75 32.96
N CYS A 182 6.95 -17.87 31.73
CA CYS A 182 7.98 -16.93 31.21
C CYS A 182 7.70 -16.43 29.83
N ALA A 183 8.15 -15.22 29.56
CA ALA A 183 7.97 -14.56 28.27
C ALA A 183 9.09 -14.95 27.32
N ALA A 184 8.74 -15.23 26.07
CA ALA A 184 9.77 -15.42 25.01
C ALA A 184 9.14 -15.18 23.69
N TYR A 185 9.68 -14.24 22.92
CA TYR A 185 9.06 -13.78 21.69
C TYR A 185 9.90 -14.05 20.45
N MET A 186 11.09 -14.65 20.61
CA MET A 186 12.01 -14.87 19.52
C MET A 186 11.63 -16.07 18.70
N ALA A 187 11.66 -15.89 17.38
CA ALA A 187 11.38 -16.98 16.44
C ALA A 187 12.49 -18.01 16.48
N PRO A 188 12.17 -19.26 16.11
CA PRO A 188 13.17 -20.32 16.14
C PRO A 188 14.45 -19.97 15.38
N GLU A 189 14.30 -19.39 14.19
CA GLU A 189 15.45 -19.07 13.33
C GLU A 189 16.28 -17.91 13.86
N ARG A 190 15.71 -17.13 14.75
CA ARG A 190 16.47 -16.11 15.43
C ARG A 190 17.22 -16.67 16.65
N ILE A 191 16.65 -17.68 17.31
CA ILE A 191 17.32 -18.33 18.41
C ILE A 191 18.56 -19.07 17.86
N ASP A 192 18.39 -19.73 16.72
CA ASP A 192 19.42 -20.62 16.16
C ASP A 192 19.37 -20.67 14.63
N PRO A 193 20.13 -19.80 13.97
CA PRO A 193 19.97 -19.71 12.51
C PRO A 193 20.30 -21.05 11.81
N PRO A 194 19.40 -21.53 10.92
CA PRO A 194 19.65 -22.82 10.24
C PRO A 194 20.80 -22.75 9.26
N ASP A 195 20.95 -21.64 8.55
CA ASP A 195 22.12 -21.36 7.71
C ASP A 195 23.13 -20.46 8.47
N PRO A 196 24.33 -20.98 8.78
CA PRO A 196 25.32 -20.12 9.42
C PRO A 196 25.95 -19.11 8.43
N THR A 197 26.07 -19.50 7.16
CA THR A 197 26.43 -18.59 6.04
C THR A 197 25.54 -17.35 5.88
N LYS A 198 24.24 -17.52 6.00
CA LYS A 198 23.29 -16.40 5.89
C LYS A 198 22.44 -16.37 7.16
N PRO A 199 23.02 -15.88 8.27
CA PRO A 199 22.46 -16.01 9.61
C PRO A 199 21.34 -14.97 9.94
N ASP A 200 21.17 -13.99 9.07
CA ASP A 200 20.27 -12.88 9.35
C ASP A 200 18.81 -13.33 9.22
N TYR A 201 18.07 -13.27 10.33
CA TYR A 201 16.60 -13.33 10.28
C TYR A 201 16.02 -12.08 9.57
N ASP A 202 14.80 -12.17 9.02
CA ASP A 202 14.13 -11.06 8.29
C ASP A 202 12.79 -10.80 8.96
N ILE A 203 11.78 -10.33 8.20
CA ILE A 203 10.54 -9.84 8.79
C ILE A 203 9.66 -10.94 9.38
N ARG A 204 9.89 -12.17 8.94
CA ARG A 204 9.11 -13.28 9.43
C ARG A 204 9.36 -13.54 10.89
N ALA A 205 10.52 -13.11 11.41
CA ALA A 205 10.76 -13.20 12.86
C ALA A 205 9.77 -12.37 13.64
N ASP A 206 9.43 -11.19 13.11
CA ASP A 206 8.43 -10.32 13.75
C ASP A 206 7.01 -10.90 13.60
N VAL A 207 6.74 -11.56 12.49
CA VAL A 207 5.46 -12.24 12.32
C VAL A 207 5.26 -13.27 13.45
N TRP A 208 6.29 -14.01 13.77
CA TRP A 208 6.23 -15.02 14.84
C TRP A 208 5.96 -14.36 16.20
N SER A 209 6.73 -13.31 16.49
CA SER A 209 6.56 -12.53 17.74
C SER A 209 5.12 -12.02 17.90
N LEU A 210 4.55 -11.59 16.79
CA LEU A 210 3.16 -11.16 16.79
C LEU A 210 2.25 -12.30 17.17
N GLY A 211 2.47 -13.47 16.57
CA GLY A 211 1.67 -14.67 16.90
C GLY A 211 1.75 -15.00 18.36
N ILE A 212 2.96 -14.97 18.92
CA ILE A 212 3.14 -15.26 20.35
C ILE A 212 2.43 -14.21 21.19
N SER A 213 2.52 -12.95 20.78
CA SER A 213 1.85 -11.85 21.50
C SER A 213 0.33 -12.00 21.51
N LEU A 214 -0.24 -12.36 20.36
CA LEU A 214 -1.70 -12.63 20.28
C LEU A 214 -2.16 -13.76 21.17
N VAL A 215 -1.38 -14.83 21.25
CA VAL A 215 -1.74 -15.98 22.12
C VAL A 215 -1.69 -15.56 23.60
N GLU A 216 -0.67 -14.81 23.97
CA GLU A 216 -0.51 -14.34 25.33
C GLU A 216 -1.69 -13.42 25.68
N LEU A 217 -1.99 -12.50 24.78
CA LEU A 217 -3.08 -11.53 25.08
C LEU A 217 -4.49 -12.16 25.01
N ALA A 218 -4.70 -13.10 24.10
CA ALA A 218 -5.98 -13.79 23.98
C ALA A 218 -6.27 -14.68 25.16
N THR A 219 -5.23 -15.25 25.77
CA THR A 219 -5.40 -16.17 26.90
C THR A 219 -5.18 -15.54 28.24
N GLY A 220 -4.43 -14.44 28.27
CA GLY A 220 -3.98 -13.83 29.52
C GLY A 220 -2.83 -14.55 30.20
N GLN A 221 -2.15 -15.44 29.48
CA GLN A 221 -1.08 -16.24 30.06
CA GLN A 221 -1.07 -16.27 30.06
C GLN A 221 0.06 -16.37 29.07
N PHE A 222 1.28 -16.44 29.58
CA PHE A 222 2.47 -16.74 28.75
C PHE A 222 2.32 -18.11 28.06
N PRO A 223 2.45 -18.17 26.73
CA PRO A 223 2.29 -19.46 26.02
C PRO A 223 3.30 -20.54 26.44
N TYR A 224 4.55 -20.17 26.67
CA TYR A 224 5.57 -21.11 27.18
C TYR A 224 5.49 -21.10 28.71
N LYS A 225 5.24 -22.28 29.30
CA LYS A 225 4.94 -22.36 30.73
C LYS A 225 5.94 -23.27 31.44
N ASN A 226 6.13 -23.08 32.73
CA ASN A 226 6.99 -23.96 33.57
C ASN A 226 8.43 -24.09 33.07
N CYS A 227 9.21 -23.02 33.27
CA CYS A 227 10.57 -22.90 32.73
C CYS A 227 11.58 -22.48 33.82
N LYS A 228 12.68 -23.22 33.90
CA LYS A 228 13.68 -22.98 34.94
C LYS A 228 14.72 -21.96 34.53
N THR A 229 15.19 -22.04 33.29
CA THR A 229 16.34 -21.26 32.83
C THR A 229 16.06 -20.71 31.46
N ASP A 230 16.91 -19.78 31.03
CA ASP A 230 16.80 -19.22 29.68
C ASP A 230 17.06 -20.30 28.64
N PHE A 231 18.07 -21.13 28.91
CA PHE A 231 18.43 -22.28 28.06
C PHE A 231 17.28 -23.28 27.90
N GLU A 232 16.54 -23.56 28.97
CA GLU A 232 15.33 -24.38 28.83
C GLU A 232 14.29 -23.71 27.90
N VAL A 233 14.08 -22.41 28.04
CA VAL A 233 13.02 -21.70 27.28
C VAL A 233 13.36 -21.61 25.82
N LEU A 234 14.59 -21.22 25.52
CA LEU A 234 15.08 -21.22 24.15
C LEU A 234 14.98 -22.64 23.55
N THR A 235 15.36 -23.64 24.34
CA THR A 235 15.21 -25.03 23.93
C THR A 235 13.74 -25.37 23.59
N LYS A 236 12.77 -24.89 24.39
CA LYS A 236 11.34 -25.18 24.16
C LYS A 236 10.88 -24.64 22.82
N VAL A 237 11.25 -23.39 22.56
CA VAL A 237 10.84 -22.75 21.31
C VAL A 237 11.33 -23.60 20.15
N LEU A 238 12.57 -24.09 20.23
CA LEU A 238 13.19 -24.86 19.15
C LEU A 238 12.54 -26.23 18.89
N GLN A 239 12.17 -26.97 19.92
CA GLN A 239 11.75 -28.35 19.73
C GLN A 239 10.26 -28.64 19.96
N GLU A 240 9.58 -27.82 20.78
CA GLU A 240 8.14 -28.01 21.00
C GLU A 240 7.34 -27.54 19.80
N GLU A 241 6.12 -28.04 19.70
CA GLU A 241 5.16 -27.49 18.76
C GLU A 241 4.81 -26.04 19.19
N PRO A 242 4.51 -25.18 18.21
CA PRO A 242 4.15 -23.82 18.58
C PRO A 242 2.89 -23.80 19.45
N PRO A 243 2.84 -22.92 20.45
CA PRO A 243 1.65 -22.85 21.30
C PRO A 243 0.57 -22.04 20.58
N LEU A 244 -0.47 -22.72 20.10
CA LEU A 244 -1.62 -22.10 19.39
C LEU A 244 -2.71 -21.67 20.34
N LEU A 245 -3.70 -20.96 19.83
CA LEU A 245 -4.85 -20.59 20.65
C LEU A 245 -5.55 -21.87 21.09
N PRO A 246 -6.01 -21.94 22.37
CA PRO A 246 -6.74 -23.14 22.77
C PRO A 246 -8.12 -23.12 22.15
N GLY A 247 -8.69 -24.30 21.92
CA GLY A 247 -9.94 -24.44 21.15
C GLY A 247 -11.22 -24.44 21.99
N HIS A 248 -11.08 -24.22 23.28
CA HIS A 248 -12.18 -24.24 24.22
C HIS A 248 -12.61 -22.84 24.63
N MET A 249 -12.05 -21.80 24.05
CA MET A 249 -12.32 -20.45 24.54
C MET A 249 -13.19 -19.65 23.57
N GLY A 250 -13.74 -20.30 22.56
CA GLY A 250 -14.66 -19.69 21.63
C GLY A 250 -14.03 -18.83 20.57
N PHE A 251 -12.72 -19.00 20.32
CA PHE A 251 -12.05 -18.16 19.34
C PHE A 251 -12.50 -18.52 17.92
N SER A 252 -12.72 -17.50 17.12
CA SER A 252 -13.14 -17.66 15.74
C SER A 252 -12.14 -18.49 14.96
N GLY A 253 -12.63 -19.28 14.02
CA GLY A 253 -11.79 -20.04 13.08
C GLY A 253 -10.76 -19.20 12.33
N ASP A 254 -11.15 -18.00 11.89
CA ASP A 254 -10.19 -17.14 11.20
C ASP A 254 -9.05 -16.60 12.13
N PHE A 255 -9.37 -16.34 13.41
CA PHE A 255 -8.37 -15.96 14.40
C PHE A 255 -7.40 -17.09 14.67
N GLN A 256 -7.93 -18.30 14.84
CA GLN A 256 -7.08 -19.49 15.04
C GLN A 256 -6.18 -19.79 13.84
N SER A 257 -6.71 -19.63 12.64
CA SER A 257 -5.93 -19.79 11.44
C SER A 257 -4.84 -18.72 11.33
N PHE A 258 -5.17 -17.46 11.61
CA PHE A 258 -4.19 -16.38 11.60
C PHE A 258 -2.98 -16.65 12.51
N VAL A 259 -3.27 -17.01 13.75
CA VAL A 259 -2.23 -17.27 14.73
C VAL A 259 -1.40 -18.48 14.33
N LYS A 260 -2.05 -19.51 13.82
CA LYS A 260 -1.35 -20.67 13.40
C LYS A 260 -0.45 -20.36 12.22
N ASP A 261 -0.92 -19.59 11.26
CA ASP A 261 -0.04 -19.15 10.17
C ASP A 261 1.19 -18.33 10.70
N CYS A 262 0.97 -17.44 11.65
CA CYS A 262 2.07 -16.66 12.26
C CYS A 262 3.07 -17.57 12.93
N LEU A 263 2.58 -18.59 13.61
CA LEU A 263 3.44 -19.49 14.38
C LEU A 263 3.85 -20.72 13.60
N THR A 264 4.17 -20.53 12.31
CA THR A 264 4.82 -21.54 11.52
C THR A 264 6.32 -21.56 11.90
N LYS A 265 6.81 -22.72 12.34
CA LYS A 265 8.20 -22.85 12.78
C LYS A 265 9.20 -22.72 11.67
N ASP A 266 8.97 -23.44 10.57
CA ASP A 266 9.80 -23.28 9.37
C ASP A 266 9.56 -21.87 8.79
N HIS A 267 10.55 -21.00 8.98
CA HIS A 267 10.42 -19.62 8.56
C HIS A 267 10.25 -19.46 7.05
N ARG A 268 10.73 -20.43 6.27
CA ARG A 268 10.57 -20.40 4.81
C ARG A 268 9.12 -20.56 4.42
N LYS A 269 8.31 -21.17 5.30
CA LYS A 269 6.86 -21.30 5.09
C LYS A 269 6.01 -20.24 5.81
N ARG A 270 6.62 -19.31 6.52
CA ARG A 270 5.87 -18.39 7.34
C ARG A 270 5.48 -17.23 6.44
N PRO A 271 4.18 -16.87 6.44
CA PRO A 271 3.75 -15.75 5.59
C PRO A 271 4.44 -14.41 5.87
N LYS A 272 4.70 -13.69 4.79
CA LYS A 272 5.14 -12.31 4.85
C LYS A 272 3.90 -11.42 5.05
N TYR A 273 4.13 -10.13 5.22
CA TYR A 273 3.05 -9.19 5.59
C TYR A 273 2.00 -9.05 4.54
N ASN A 274 2.41 -8.99 3.27
CA ASN A 274 1.46 -8.85 2.20
C ASN A 274 0.50 -10.03 2.14
N LYS A 275 1.03 -11.24 2.40
CA LYS A 275 0.21 -12.44 2.50
C LYS A 275 -0.69 -12.37 3.71
N LEU A 276 -0.15 -11.97 4.88
CA LEU A 276 -1.00 -11.78 6.09
C LEU A 276 -2.14 -10.78 5.90
N LEU A 277 -1.87 -9.70 5.17
CA LEU A 277 -2.89 -8.69 4.89
C LEU A 277 -4.05 -9.19 4.00
N GLU A 278 -3.86 -10.31 3.31
CA GLU A 278 -4.97 -10.99 2.60
C GLU A 278 -5.75 -11.97 3.49
N HIS A 279 -5.29 -12.23 4.71
CA HIS A 279 -5.94 -13.23 5.55
C HIS A 279 -7.36 -12.74 5.92
N SER A 280 -8.25 -13.70 6.00
CA SER A 280 -9.63 -13.50 6.37
C SER A 280 -9.86 -12.73 7.71
N PHE A 281 -9.15 -13.12 8.75
CA PHE A 281 -9.11 -12.39 10.01
C PHE A 281 -8.88 -10.89 9.86
N ILE A 282 -7.87 -10.53 9.10
CA ILE A 282 -7.58 -9.11 8.87
C ILE A 282 -8.67 -8.44 8.03
N LYS A 283 -9.14 -9.12 7.01
CA LYS A 283 -10.19 -8.56 6.15
C LYS A 283 -11.46 -8.28 6.95
N ARG A 284 -11.81 -9.21 7.83
CA ARG A 284 -12.94 -9.07 8.71
C ARG A 284 -12.80 -7.85 9.63
N TYR A 285 -11.64 -7.69 10.24
CA TYR A 285 -11.47 -6.62 11.21
C TYR A 285 -11.15 -5.25 10.63
N GLU A 286 -10.68 -5.19 9.39
CA GLU A 286 -10.55 -3.90 8.66
C GLU A 286 -11.84 -3.10 8.58
N THR A 287 -12.94 -3.78 8.27
CA THR A 287 -14.23 -3.13 8.03
C THR A 287 -15.24 -3.31 9.16
N LEU A 288 -14.94 -4.13 10.16
CA LEU A 288 -15.84 -4.26 11.28
C LEU A 288 -15.72 -3.09 12.25
N GLU A 289 -16.85 -2.59 12.67
CA GLU A 289 -16.91 -1.50 13.61
C GLU A 289 -16.74 -2.09 14.98
N VAL A 290 -15.69 -1.67 15.66
CA VAL A 290 -15.42 -2.12 17.02
C VAL A 290 -15.14 -0.86 17.79
N ASP A 291 -15.83 -0.72 18.91
CA ASP A 291 -15.67 0.44 19.72
C ASP A 291 -14.58 0.15 20.76
N VAL A 292 -13.34 0.27 20.31
CA VAL A 292 -12.16 0.12 21.15
C VAL A 292 -12.17 1.18 22.25
N ALA A 293 -12.50 2.42 21.88
CA ALA A 293 -12.54 3.54 22.84
C ALA A 293 -13.46 3.26 24.04
N SER A 294 -14.68 2.84 23.76
CA SER A 294 -15.65 2.52 24.81
C SER A 294 -15.19 1.35 25.65
N TRP A 295 -14.66 0.32 25.00
CA TRP A 295 -14.07 -0.80 25.71
C TRP A 295 -12.92 -0.37 26.64
N PHE A 296 -11.94 0.32 26.08
CA PHE A 296 -10.82 0.90 26.86
C PHE A 296 -11.33 1.67 28.08
N LYS A 297 -12.33 2.52 27.87
CA LYS A 297 -12.87 3.32 28.94
C LYS A 297 -13.65 2.47 29.89
N ASP A 298 -14.49 1.58 29.35
CA ASP A 298 -15.26 0.66 30.16
C ASP A 298 -14.28 -0.13 31.01
N VAL A 299 -13.18 -0.61 30.42
CA VAL A 299 -12.08 -1.25 31.17
C VAL A 299 -11.49 -0.38 32.29
N MET A 300 -11.07 0.83 31.98
CA MET A 300 -10.49 1.74 33.00
C MET A 300 -11.47 2.13 34.13
N ALA A 301 -12.76 2.24 33.80
CA ALA A 301 -13.83 2.64 34.76
C ALA A 301 -14.54 1.46 35.48
N LYS A 302 -14.18 0.23 35.10
CA LYS A 302 -14.82 -0.97 35.65
C LYS A 302 -14.53 -1.08 37.13
N THR A 303 -15.59 -1.16 37.94
CA THR A 303 -15.48 -1.21 39.40
C THR A 303 -15.56 -2.64 39.99
N GLU A 304 -16.08 -3.62 39.24
CA GLU A 304 -16.00 -5.05 39.66
C GLU A 304 -14.55 -5.54 39.50
N SER A 305 -13.99 -6.11 40.58
CA SER A 305 -12.55 -6.44 40.67
C SER A 305 -12.08 -7.47 39.64
N GLY B 6 -15.63 17.85 1.27
CA GLY B 6 -15.58 18.74 0.07
C GLY B 6 -14.18 19.31 -0.10
N TYR B 7 -13.29 18.46 -0.57
CA TYR B 7 -11.88 18.80 -0.67
C TYR B 7 -11.43 18.42 -2.05
N LEU B 8 -10.48 19.18 -2.61
CA LEU B 8 -9.64 18.68 -3.67
C LEU B 8 -8.38 18.19 -2.95
N THR B 9 -8.03 16.93 -3.18
CA THR B 9 -6.85 16.34 -2.59
C THR B 9 -5.79 16.26 -3.66
N ILE B 10 -4.76 17.09 -3.52
CA ILE B 10 -3.71 17.27 -4.51
C ILE B 10 -2.37 17.15 -3.80
N GLY B 11 -1.52 16.26 -4.31
CA GLY B 11 -0.16 16.09 -3.79
C GLY B 11 -0.05 15.82 -2.30
N GLY B 12 -1.00 15.05 -1.77
CA GLY B 12 -1.01 14.71 -0.33
C GLY B 12 -1.64 15.73 0.61
N GLN B 13 -2.14 16.83 0.07
CA GLN B 13 -2.80 17.87 0.87
C GLN B 13 -4.25 18.05 0.44
N ARG B 14 -5.14 18.31 1.40
CA ARG B 14 -6.55 18.64 1.09
C ARG B 14 -6.80 20.15 1.09
N TYR B 15 -7.38 20.65 -0.01
CA TYR B 15 -7.78 22.06 -0.17
C TYR B 15 -9.32 22.20 -0.29
N GLN B 16 -9.94 23.09 0.49
CA GLN B 16 -11.41 23.31 0.38
C GLN B 16 -11.74 23.97 -0.96
N ALA B 17 -12.87 23.61 -1.61
CA ALA B 17 -13.18 24.14 -2.97
C ALA B 17 -14.64 24.17 -3.48
N GLU B 18 -14.96 25.18 -4.31
CA GLU B 18 -16.23 25.29 -5.01
C GLU B 18 -16.01 25.16 -6.51
N ILE B 19 -17.07 24.92 -7.25
CA ILE B 19 -17.02 24.86 -8.72
C ILE B 19 -16.50 26.19 -9.31
N ASN B 20 -16.82 27.31 -8.65
CA ASN B 20 -16.40 28.67 -9.06
C ASN B 20 -14.90 28.90 -8.91
N ASP B 21 -14.28 28.11 -8.02
CA ASP B 21 -12.81 28.11 -7.87
C ASP B 21 -12.06 27.50 -9.07
N LEU B 22 -12.78 26.96 -10.05
CA LEU B 22 -12.17 26.40 -11.24
C LEU B 22 -12.31 27.34 -12.42
N GLU B 23 -11.17 27.78 -12.96
CA GLU B 23 -11.13 28.56 -14.19
C GLU B 23 -10.96 27.60 -15.38
N ASN B 24 -11.80 27.77 -16.41
CA ASN B 24 -11.74 26.96 -17.63
C ASN B 24 -10.64 27.45 -18.57
N LEU B 25 -9.68 26.59 -18.89
CA LEU B 25 -8.60 26.88 -19.83
C LEU B 25 -8.78 26.25 -21.22
N GLY B 26 -9.90 25.55 -21.42
CA GLY B 26 -10.27 24.99 -22.73
C GLY B 26 -10.49 23.49 -22.70
N GLU B 27 -11.00 22.96 -23.80
CA GLU B 27 -11.33 21.53 -23.92
C GLU B 27 -10.11 20.71 -24.27
N MET B 28 -10.12 19.44 -23.86
CA MET B 28 -9.09 18.48 -24.26
C MET B 28 -9.63 17.22 -24.98
N GLY B 29 -10.88 16.81 -24.70
CA GLY B 29 -11.48 15.61 -25.34
C GLY B 29 -11.92 15.81 -26.77
N GLY B 34 -20.74 13.77 -21.83
CA GLY B 34 -19.37 13.77 -21.34
C GLY B 34 -18.46 14.73 -22.10
N GLN B 35 -17.70 15.54 -21.36
CA GLN B 35 -16.73 16.48 -21.94
C GLN B 35 -15.59 16.74 -20.93
N VAL B 36 -14.37 16.94 -21.44
CA VAL B 36 -13.17 17.11 -20.62
C VAL B 36 -12.52 18.47 -20.84
N TRP B 37 -12.15 19.11 -19.73
CA TRP B 37 -11.62 20.47 -19.74
C TRP B 37 -10.29 20.50 -18.99
N LYS B 38 -9.37 21.33 -19.47
CA LYS B 38 -8.22 21.76 -18.69
C LYS B 38 -8.69 22.95 -17.86
N MET B 39 -8.48 22.87 -16.54
CA MET B 39 -8.88 23.94 -15.61
C MET B 39 -7.80 24.29 -14.59
N ARG B 40 -7.89 25.51 -14.05
CA ARG B 40 -6.95 26.01 -13.05
C ARG B 40 -7.69 26.15 -11.76
N PHE B 41 -7.20 25.50 -10.70
CA PHE B 41 -7.71 25.69 -9.36
C PHE B 41 -7.14 26.99 -8.81
N ARG B 42 -8.01 27.97 -8.60
CA ARG B 42 -7.61 29.35 -8.29
C ARG B 42 -6.87 29.51 -6.98
N LYS B 43 -7.17 28.66 -5.99
CA LYS B 43 -6.53 28.74 -4.69
C LYS B 43 -5.04 28.43 -4.75
N THR B 44 -4.65 27.42 -5.53
CA THR B 44 -3.24 26.99 -5.57
C THR B 44 -2.51 27.26 -6.88
N GLY B 45 -3.24 27.57 -7.94
CA GLY B 45 -2.65 27.63 -9.28
C GLY B 45 -2.47 26.29 -9.99
N HIS B 46 -2.77 25.16 -9.35
CA HIS B 46 -2.67 23.84 -10.05
C HIS B 46 -3.55 23.78 -11.29
N VAL B 47 -2.96 23.33 -12.39
CA VAL B 47 -3.72 23.07 -13.61
C VAL B 47 -4.12 21.59 -13.58
N ILE B 48 -5.42 21.35 -13.72
CA ILE B 48 -5.99 20.01 -13.62
C ILE B 48 -6.85 19.63 -14.83
N ALA B 49 -7.27 18.38 -14.84
CA ALA B 49 -8.16 17.81 -15.85
C ALA B 49 -9.51 17.56 -15.20
N VAL B 50 -10.56 18.05 -15.86
CA VAL B 50 -11.90 17.92 -15.32
C VAL B 50 -12.83 17.33 -16.36
N LYS B 51 -13.48 16.21 -16.01
CA LYS B 51 -14.55 15.63 -16.83
C LYS B 51 -15.94 16.13 -16.35
N GLN B 52 -16.70 16.73 -17.27
CA GLN B 52 -18.09 17.09 -17.00
C GLN B 52 -18.99 16.02 -17.56
N MET B 53 -19.80 15.42 -16.69
CA MET B 53 -20.86 14.53 -17.14
C MET B 53 -22.20 15.13 -16.73
N ARG B 54 -23.13 15.16 -17.68
CA ARG B 54 -24.54 15.44 -17.36
C ARG B 54 -25.11 14.26 -16.60
N ARG B 55 -25.88 14.56 -15.57
CA ARG B 55 -26.54 13.52 -14.80
C ARG B 55 -27.64 12.84 -15.66
N SER B 56 -27.41 11.57 -16.04
CA SER B 56 -28.33 10.91 -16.97
C SER B 56 -29.56 10.61 -16.16
N GLY B 57 -30.68 10.52 -16.86
CA GLY B 57 -31.97 10.18 -16.26
C GLY B 57 -32.04 8.74 -15.78
N ASN B 58 -31.15 7.88 -16.30
CA ASN B 58 -31.01 6.49 -15.82
C ASN B 58 -30.15 6.46 -14.56
N LYS B 59 -30.78 6.20 -13.41
CA LYS B 59 -30.08 6.19 -12.12
C LYS B 59 -29.18 4.95 -11.95
N GLU B 60 -29.43 3.91 -12.73
CA GLU B 60 -28.51 2.77 -12.83
C GLU B 60 -27.23 3.12 -13.59
N GLU B 61 -27.29 4.07 -14.52
CA GLU B 61 -26.08 4.57 -15.21
C GLU B 61 -25.28 5.55 -14.36
N ASN B 62 -25.96 6.40 -13.60
CA ASN B 62 -25.29 7.27 -12.62
C ASN B 62 -24.56 6.44 -11.57
N LYS B 63 -25.20 5.35 -11.14
CA LYS B 63 -24.58 4.44 -10.18
C LYS B 63 -23.33 3.75 -10.77
N ARG B 64 -23.41 3.32 -12.04
CA ARG B 64 -22.28 2.67 -12.72
C ARG B 64 -21.03 3.56 -12.74
N ILE B 65 -21.22 4.84 -13.06
CA ILE B 65 -20.07 5.75 -13.22
C ILE B 65 -19.49 6.18 -11.86
N LEU B 66 -20.35 6.37 -10.86
CA LEU B 66 -19.89 6.68 -9.51
C LEU B 66 -19.15 5.50 -8.89
N MET B 67 -19.54 4.27 -9.22
CA MET B 67 -18.84 3.07 -8.75
C MET B 67 -17.42 3.02 -9.27
N ASP B 68 -17.27 3.28 -10.58
CA ASP B 68 -15.96 3.37 -11.23
C ASP B 68 -15.12 4.40 -10.53
N LEU B 69 -15.70 5.57 -10.30
CA LEU B 69 -14.99 6.69 -9.72
C LEU B 69 -14.60 6.42 -8.26
N ASP B 70 -15.46 5.71 -7.54
CA ASP B 70 -15.14 5.31 -6.19
C ASP B 70 -13.85 4.50 -6.12
N VAL B 71 -13.69 3.61 -7.08
CA VAL B 71 -12.48 2.80 -7.15
C VAL B 71 -11.25 3.69 -7.32
N VAL B 72 -11.30 4.62 -8.27
CA VAL B 72 -10.19 5.52 -8.54
CA VAL B 72 -10.12 5.48 -8.51
C VAL B 72 -9.88 6.40 -7.34
N LEU B 73 -10.94 6.88 -6.68
CA LEU B 73 -10.78 7.67 -5.45
C LEU B 73 -10.03 6.92 -4.35
N LYS B 74 -10.21 5.60 -4.29
CA LYS B 74 -9.49 4.76 -3.34
C LYS B 74 -8.23 4.09 -3.92
N SER B 75 -7.71 4.59 -5.04
CA SER B 75 -6.53 4.01 -5.69
C SER B 75 -5.30 4.91 -5.54
N HIS B 76 -5.36 5.84 -4.58
CA HIS B 76 -4.27 6.79 -4.28
C HIS B 76 -2.93 6.15 -3.88
N ASP B 77 -2.97 4.97 -3.28
CA ASP B 77 -1.74 4.20 -2.99
C ASP B 77 -1.12 3.45 -4.17
N CYS B 78 -1.72 3.53 -5.36
CA CYS B 78 -1.12 2.92 -6.55
C CYS B 78 -0.46 4.01 -7.36
N PRO B 79 0.88 3.94 -7.51
CA PRO B 79 1.56 4.90 -8.37
C PRO B 79 1.19 4.85 -9.87
N TYR B 80 0.48 3.80 -10.32
CA TYR B 80 0.30 3.56 -11.77
C TYR B 80 -1.13 3.77 -12.25
N ILE B 81 -1.94 4.40 -11.41
CA ILE B 81 -3.29 4.73 -11.74
C ILE B 81 -3.47 6.22 -11.58
N VAL B 82 -4.04 6.85 -12.61
CA VAL B 82 -4.25 8.29 -12.61
C VAL B 82 -5.06 8.71 -11.38
N GLN B 83 -4.60 9.78 -10.74
CA GLN B 83 -5.20 10.29 -9.51
C GLN B 83 -6.41 11.15 -9.73
N CYS B 84 -7.44 10.86 -8.94
CA CYS B 84 -8.62 11.66 -8.87
C CYS B 84 -8.51 12.55 -7.66
N PHE B 85 -8.72 13.82 -7.86
CA PHE B 85 -8.54 14.77 -6.82
C PHE B 85 -9.83 15.01 -6.02
N GLY B 86 -10.99 14.67 -6.61
CA GLY B 86 -12.30 14.86 -5.99
C GLY B 86 -13.41 15.19 -6.99
N THR B 87 -14.63 15.39 -6.49
CA THR B 87 -15.78 15.62 -7.36
C THR B 87 -16.64 16.74 -6.88
N PHE B 88 -17.38 17.31 -7.80
CA PHE B 88 -18.36 18.28 -7.50
C PHE B 88 -19.66 17.83 -8.13
N ILE B 89 -20.74 17.84 -7.36
CA ILE B 89 -22.06 17.46 -7.88
C ILE B 89 -22.96 18.71 -7.83
N THR B 90 -23.50 19.10 -8.98
CA THR B 90 -24.61 20.05 -9.02
C THR B 90 -25.92 19.27 -9.29
N ASN B 91 -27.04 19.98 -9.43
CA ASN B 91 -28.28 19.34 -9.86
C ASN B 91 -28.12 18.63 -11.20
N THR B 92 -27.47 19.30 -12.17
CA THR B 92 -27.37 18.81 -13.54
C THR B 92 -26.10 18.02 -13.85
N ASP B 93 -25.02 18.25 -13.09
CA ASP B 93 -23.68 17.78 -13.48
C ASP B 93 -22.85 17.13 -12.39
N VAL B 94 -22.00 16.19 -12.81
CA VAL B 94 -20.90 15.73 -11.99
C VAL B 94 -19.62 16.22 -12.65
N PHE B 95 -18.77 16.87 -11.86
CA PHE B 95 -17.43 17.25 -12.27
C PHE B 95 -16.41 16.39 -11.57
N ILE B 96 -15.57 15.75 -12.37
CA ILE B 96 -14.59 14.84 -11.85
C ILE B 96 -13.20 15.44 -12.11
N ALA B 97 -12.47 15.72 -11.03
CA ALA B 97 -11.18 16.42 -11.12
C ALA B 97 -10.05 15.44 -10.96
N MET B 98 -9.11 15.47 -11.90
CA MET B 98 -7.96 14.58 -11.91
C MET B 98 -6.65 15.38 -12.04
N GLU B 99 -5.56 14.76 -11.63
CA GLU B 99 -4.24 15.23 -12.03
C GLU B 99 -4.14 15.27 -13.55
N LEU B 100 -3.66 16.36 -14.13
CA LEU B 100 -3.48 16.47 -15.58
C LEU B 100 -2.26 15.67 -15.99
N MET B 101 -2.46 14.71 -16.87
CA MET B 101 -1.33 14.05 -17.55
C MET B 101 -1.25 14.65 -18.95
N GLY B 102 -0.06 14.99 -19.39
CA GLY B 102 0.11 15.74 -20.62
C GLY B 102 -0.48 15.06 -21.84
N THR B 103 -0.34 13.75 -21.94
CA THR B 103 -0.86 13.05 -23.09
C THR B 103 -1.07 11.57 -22.85
N CYS B 104 -1.54 10.88 -23.89
CA CYS B 104 -1.70 9.44 -23.88
C CYS B 104 -0.86 8.77 -24.97
N ALA B 105 -0.69 7.47 -24.86
CA ALA B 105 0.19 6.76 -25.79
C ALA B 105 -0.36 6.80 -27.22
N GLU B 106 -1.70 6.87 -27.39
CA GLU B 106 -2.29 7.01 -28.71
C GLU B 106 -1.79 8.28 -29.41
N LYS B 107 -1.73 9.38 -28.68
CA LYS B 107 -1.35 10.66 -29.27
C LYS B 107 0.15 10.72 -29.45
N LEU B 108 0.91 10.09 -28.57
CA LEU B 108 2.36 9.96 -28.80
C LEU B 108 2.67 9.23 -30.09
N LYS B 109 1.97 8.14 -30.36
CA LYS B 109 2.18 7.37 -31.59
C LYS B 109 1.97 8.27 -32.82
N LYS B 110 0.90 9.08 -32.82
CA LYS B 110 0.60 9.94 -33.97
C LYS B 110 1.62 11.07 -34.12
N ARG B 111 2.08 11.61 -33.01
CA ARG B 111 3.17 12.57 -33.02
C ARG B 111 4.49 11.94 -33.52
N MET B 112 4.82 10.75 -33.03
CA MET B 112 6.01 10.04 -33.46
C MET B 112 5.97 9.74 -34.97
N GLN B 113 4.78 9.49 -35.50
CA GLN B 113 4.61 8.97 -36.87
C GLN B 113 5.36 7.64 -37.09
N GLY B 114 5.35 6.78 -36.09
CA GLY B 114 6.20 5.60 -36.06
C GLY B 114 6.35 5.03 -34.66
N PRO B 115 7.25 4.07 -34.50
CA PRO B 115 7.33 3.36 -33.24
C PRO B 115 7.67 4.20 -32.00
N ILE B 116 7.19 3.75 -30.85
CA ILE B 116 7.72 4.17 -29.55
C ILE B 116 8.81 3.16 -29.14
N PRO B 117 9.99 3.64 -28.69
CA PRO B 117 11.07 2.67 -28.41
C PRO B 117 10.79 1.68 -27.28
N GLU B 118 11.42 0.52 -27.39
CA GLU B 118 11.21 -0.58 -26.48
C GLU B 118 11.43 -0.20 -25.03
N ARG B 119 12.45 0.58 -24.76
CA ARG B 119 12.77 0.94 -23.39
C ARG B 119 11.64 1.72 -22.75
N ILE B 120 10.90 2.47 -23.54
CA ILE B 120 9.73 3.21 -23.03
C ILE B 120 8.57 2.23 -22.80
N LEU B 121 8.35 1.34 -23.76
CA LEU B 121 7.30 0.33 -23.65
C LEU B 121 7.54 -0.64 -22.50
N GLY B 122 8.81 -0.88 -22.17
CA GLY B 122 9.14 -1.73 -21.04
C GLY B 122 8.66 -1.09 -19.75
N LYS B 123 8.91 0.20 -19.60
CA LYS B 123 8.40 0.95 -18.46
C LYS B 123 6.90 1.09 -18.46
N MET B 124 6.33 1.30 -19.64
CA MET B 124 4.89 1.26 -19.78
C MET B 124 4.28 -0.08 -19.34
N THR B 125 4.90 -1.18 -19.73
CA THR B 125 4.37 -2.50 -19.45
C THR B 125 4.35 -2.78 -17.95
N VAL B 126 5.42 -2.41 -17.26
CA VAL B 126 5.49 -2.59 -15.81
C VAL B 126 4.33 -1.83 -15.14
N ALA B 127 4.14 -0.61 -15.57
CA ALA B 127 3.15 0.27 -14.94
C ALA B 127 1.76 -0.26 -15.15
N ILE B 128 1.44 -0.62 -16.38
CA ILE B 128 0.08 -1.02 -16.71
C ILE B 128 -0.26 -2.38 -16.13
N VAL B 129 0.66 -3.32 -16.15
CA VAL B 129 0.41 -4.61 -15.53
C VAL B 129 0.21 -4.44 -14.03
N LYS B 130 1.04 -3.64 -13.38
CA LYS B 130 0.88 -3.42 -11.93
C LYS B 130 -0.41 -2.67 -11.57
N ALA B 131 -0.80 -1.72 -12.41
CA ALA B 131 -2.09 -1.03 -12.24
C ALA B 131 -3.27 -2.00 -12.34
N LEU B 132 -3.24 -2.87 -13.34
CA LEU B 132 -4.32 -3.83 -13.55
C LEU B 132 -4.38 -4.84 -12.42
N TYR B 133 -3.22 -5.30 -11.99
CA TYR B 133 -3.11 -6.22 -10.89
C TYR B 133 -3.66 -5.61 -9.60
N TYR B 134 -3.28 -4.37 -9.34
CA TYR B 134 -3.80 -3.62 -8.21
C TYR B 134 -5.33 -3.54 -8.24
N LEU B 135 -5.89 -3.16 -9.39
CA LEU B 135 -7.36 -3.03 -9.52
C LEU B 135 -8.06 -4.33 -9.23
N LYS B 136 -7.52 -5.42 -9.74
CA LYS B 136 -8.10 -6.73 -9.48
C LYS B 136 -7.96 -7.13 -8.01
N GLU B 137 -6.75 -7.06 -7.47
CA GLU B 137 -6.44 -7.57 -6.14
C GLU B 137 -7.03 -6.74 -5.02
N LYS B 138 -6.92 -5.43 -5.15
CA LYS B 138 -7.37 -4.53 -4.08
C LYS B 138 -8.83 -4.17 -4.19
N HIS B 139 -9.36 -4.09 -5.40
CA HIS B 139 -10.74 -3.63 -5.59
C HIS B 139 -11.68 -4.61 -6.28
N GLY B 140 -11.17 -5.76 -6.70
CA GLY B 140 -12.00 -6.79 -7.30
C GLY B 140 -12.49 -6.42 -8.68
N VAL B 141 -11.77 -5.54 -9.37
CA VAL B 141 -12.26 -4.83 -10.52
C VAL B 141 -11.37 -5.10 -11.75
N ILE B 142 -12.01 -5.17 -12.92
CA ILE B 142 -11.37 -5.39 -14.21
C ILE B 142 -11.50 -4.08 -14.97
N HIS B 143 -10.55 -3.74 -15.80
CA HIS B 143 -10.59 -2.48 -16.54
C HIS B 143 -11.53 -2.56 -17.72
N ARG B 144 -11.32 -3.54 -18.58
CA ARG B 144 -12.17 -3.84 -19.76
C ARG B 144 -11.91 -3.01 -21.03
N ASP B 145 -10.97 -2.09 -21.02
CA ASP B 145 -10.76 -1.22 -22.18
C ASP B 145 -9.32 -0.76 -22.27
N VAL B 146 -8.39 -1.70 -22.12
CA VAL B 146 -6.98 -1.40 -22.18
C VAL B 146 -6.64 -1.12 -23.64
N LYS B 147 -6.02 0.02 -23.90
CA LYS B 147 -5.64 0.41 -25.25
C LYS B 147 -4.78 1.67 -25.12
N PRO B 148 -4.11 2.12 -26.21
CA PRO B 148 -3.17 3.24 -26.05
C PRO B 148 -3.77 4.58 -25.59
N SER B 149 -5.05 4.82 -25.87
CA SER B 149 -5.68 6.07 -25.49
C SER B 149 -6.00 6.10 -23.98
N ASN B 150 -5.89 4.96 -23.31
CA ASN B 150 -6.04 4.84 -21.87
C ASN B 150 -4.74 4.60 -21.15
N ILE B 151 -3.64 4.90 -21.82
CA ILE B 151 -2.33 4.89 -21.16
C ILE B 151 -1.81 6.32 -21.19
N LEU B 152 -1.65 6.90 -20.00
CA LEU B 152 -1.28 8.32 -19.89
C LEU B 152 0.18 8.45 -19.59
N LEU B 153 0.79 9.52 -20.12
CA LEU B 153 2.21 9.87 -19.85
CA LEU B 153 2.18 9.87 -19.79
C LEU B 153 2.28 11.36 -19.52
N ASP B 154 3.26 11.73 -18.69
CA ASP B 154 3.50 13.13 -18.37
C ASP B 154 4.98 13.51 -18.45
N GLU B 155 5.23 14.82 -18.36
CA GLU B 155 6.56 15.41 -18.38
C GLU B 155 7.50 14.94 -17.27
N ARG B 156 6.96 14.45 -16.17
CA ARG B 156 7.77 13.89 -15.09
C ARG B 156 8.16 12.41 -15.31
N GLY B 157 7.73 11.83 -16.42
CA GLY B 157 8.09 10.47 -16.77
C GLY B 157 7.15 9.42 -16.22
N GLN B 158 6.04 9.84 -15.62
CA GLN B 158 5.08 8.89 -15.08
C GLN B 158 4.20 8.31 -16.16
N ILE B 159 3.84 7.05 -15.99
CA ILE B 159 3.01 6.33 -16.92
C ILE B 159 1.90 5.72 -16.10
N LYS B 160 0.66 6.04 -16.48
CA LYS B 160 -0.48 5.62 -15.69
C LYS B 160 -1.64 5.12 -16.55
N LEU B 161 -2.36 4.17 -15.99
CA LEU B 161 -3.59 3.68 -16.55
C LEU B 161 -4.69 4.66 -16.20
N CYS B 162 -5.58 4.89 -17.17
CA CYS B 162 -6.78 5.68 -16.98
C CYS B 162 -7.94 5.03 -17.73
N ASP B 163 -9.11 5.65 -17.63
CA ASP B 163 -10.22 5.35 -18.51
C ASP B 163 -10.76 6.63 -19.08
N PHE B 164 -10.30 6.95 -20.28
CA PHE B 164 -10.57 8.22 -20.93
C PHE B 164 -11.95 8.25 -21.53
N GLY B 165 -12.60 7.10 -21.67
CA GLY B 165 -14.01 7.05 -22.11
C GLY B 165 -14.14 6.58 -23.56
N GLY B 181 -5.11 0.86 -41.96
CA GLY B 181 -5.28 -0.10 -40.89
C GLY B 181 -6.34 0.30 -39.88
N CYS B 182 -6.68 -0.61 -38.96
CA CYS B 182 -7.76 -0.41 -37.98
C CYS B 182 -7.51 -1.05 -36.65
N ALA B 183 -8.10 -0.43 -35.64
CA ALA B 183 -7.90 -0.81 -34.28
C ALA B 183 -8.87 -1.89 -33.86
N ALA B 184 -8.38 -2.86 -33.09
CA ALA B 184 -9.25 -3.78 -32.37
C ALA B 184 -8.51 -4.38 -31.19
N TYR B 185 -9.06 -4.25 -29.99
CA TYR B 185 -8.38 -4.66 -28.76
C TYR B 185 -9.09 -5.75 -27.97
N MET B 186 -10.23 -6.19 -28.45
CA MET B 186 -11.00 -7.19 -27.73
C MET B 186 -10.43 -8.58 -27.94
N ALA B 187 -10.33 -9.33 -26.84
CA ALA B 187 -9.87 -10.71 -26.87
C ALA B 187 -10.89 -11.58 -27.60
N PRO B 188 -10.44 -12.71 -28.18
CA PRO B 188 -11.34 -13.61 -28.89
C PRO B 188 -12.57 -14.03 -28.08
N GLU B 189 -12.36 -14.39 -26.82
CA GLU B 189 -13.43 -14.85 -25.93
C GLU B 189 -14.40 -13.72 -25.56
N ARG B 190 -14.00 -12.48 -25.74
CA ARG B 190 -14.90 -11.38 -25.55
C ARG B 190 -15.71 -11.02 -26.82
N ILE B 191 -15.12 -11.22 -27.99
CA ILE B 191 -15.83 -10.98 -29.26
C ILE B 191 -17.00 -11.94 -29.37
N ASP B 192 -16.77 -13.17 -28.95
CA ASP B 192 -17.75 -14.23 -29.12
C ASP B 192 -17.66 -15.22 -27.97
N PRO B 193 -18.39 -14.94 -26.85
CA PRO B 193 -18.20 -15.78 -25.65
C PRO B 193 -18.52 -17.24 -25.92
N PRO B 194 -17.59 -18.15 -25.54
CA PRO B 194 -17.85 -19.59 -25.81
C PRO B 194 -19.09 -20.12 -25.06
N ASP B 195 -19.32 -19.61 -23.85
CA ASP B 195 -20.60 -19.82 -23.18
C ASP B 195 -21.62 -18.78 -23.69
N PRO B 196 -22.77 -19.24 -24.25
CA PRO B 196 -23.83 -18.27 -24.57
C PRO B 196 -24.50 -17.74 -23.30
N THR B 197 -24.53 -18.58 -22.25
CA THR B 197 -24.64 -18.17 -20.85
C THR B 197 -23.37 -17.39 -20.59
N LYS B 198 -23.44 -16.23 -19.95
CA LYS B 198 -22.20 -15.51 -19.59
C LYS B 198 -21.95 -15.55 -18.09
N PRO B 199 -21.21 -16.58 -17.62
CA PRO B 199 -20.39 -16.41 -16.40
C PRO B 199 -19.27 -15.42 -16.69
N ASP B 200 -18.46 -15.05 -15.68
CA ASP B 200 -17.50 -13.94 -15.85
C ASP B 200 -16.12 -14.29 -16.45
N TYR B 201 -16.00 -13.96 -17.75
CA TYR B 201 -14.73 -13.89 -18.47
C TYR B 201 -13.96 -12.63 -18.07
N ASP B 202 -12.73 -12.90 -17.68
CA ASP B 202 -12.13 -12.19 -16.58
C ASP B 202 -10.92 -11.35 -17.02
N ILE B 203 -9.89 -11.32 -16.19
CA ILE B 203 -8.79 -10.39 -16.35
C ILE B 203 -7.91 -10.72 -17.54
N ARG B 204 -8.01 -11.95 -18.04
CA ARG B 204 -7.19 -12.33 -19.17
C ARG B 204 -7.58 -11.60 -20.44
N ALA B 205 -8.82 -11.10 -20.52
CA ALA B 205 -9.23 -10.26 -21.66
C ALA B 205 -8.39 -8.99 -21.71
N ASP B 206 -8.08 -8.43 -20.53
CA ASP B 206 -7.23 -7.23 -20.46
C ASP B 206 -5.77 -7.54 -20.78
N VAL B 207 -5.30 -8.72 -20.40
CA VAL B 207 -3.97 -9.17 -20.75
C VAL B 207 -3.78 -9.19 -22.29
N TRP B 208 -4.77 -9.71 -23.00
CA TRP B 208 -4.76 -9.69 -24.49
C TRP B 208 -4.69 -8.28 -25.04
N SER B 209 -5.57 -7.40 -24.54
CA SER B 209 -5.63 -5.99 -25.00
C SER B 209 -4.32 -5.29 -24.80
N LEU B 210 -3.66 -5.59 -23.67
CA LEU B 210 -2.32 -5.09 -23.44
C LEU B 210 -1.35 -5.55 -24.50
N GLY B 211 -1.38 -6.84 -24.81
CA GLY B 211 -0.54 -7.40 -25.86
C GLY B 211 -0.74 -6.67 -27.19
N ILE B 212 -1.99 -6.47 -27.56
CA ILE B 212 -2.28 -5.83 -28.83
C ILE B 212 -1.75 -4.41 -28.80
N SER B 213 -1.95 -3.73 -27.68
CA SER B 213 -1.47 -2.37 -27.50
C SER B 213 0.04 -2.27 -27.68
N LEU B 214 0.77 -3.19 -27.06
CA LEU B 214 2.23 -3.22 -27.17
C LEU B 214 2.72 -3.41 -28.60
N VAL B 215 2.04 -4.26 -29.36
CA VAL B 215 2.41 -4.49 -30.76
C VAL B 215 2.18 -3.23 -31.59
N GLU B 216 1.03 -2.60 -31.38
CA GLU B 216 0.67 -1.39 -32.08
C GLU B 216 1.70 -0.30 -31.77
N LEU B 217 2.01 -0.13 -30.48
CA LEU B 217 2.95 0.94 -30.11
C LEU B 217 4.38 0.65 -30.51
N ALA B 218 4.79 -0.61 -30.43
CA ALA B 218 6.14 -0.99 -30.82
C ALA B 218 6.38 -0.84 -32.33
N THR B 219 5.36 -1.07 -33.14
CA THR B 219 5.48 -1.03 -34.61
C THR B 219 5.04 0.27 -35.22
N GLY B 220 4.19 1.01 -34.51
CA GLY B 220 3.56 2.21 -35.05
C GLY B 220 2.46 1.87 -36.01
N GLN B 221 2.02 0.61 -36.03
CA GLN B 221 1.06 0.10 -37.05
C GLN B 221 0.00 -0.72 -36.31
N PHE B 222 -1.26 -0.55 -36.67
CA PHE B 222 -2.33 -1.42 -36.19
C PHE B 222 -1.99 -2.89 -36.56
N PRO B 223 -2.01 -3.82 -35.58
CA PRO B 223 -1.63 -5.22 -35.85
C PRO B 223 -2.55 -5.92 -36.84
N TYR B 224 -3.84 -5.64 -36.78
CA TYR B 224 -4.77 -6.09 -37.78
C TYR B 224 -4.83 -5.04 -38.88
N LYS B 225 -4.36 -5.41 -40.05
CA LYS B 225 -4.14 -4.43 -41.11
C LYS B 225 -5.02 -4.78 -42.30
N ASN B 226 -5.32 -3.78 -43.13
CA ASN B 226 -6.09 -3.98 -44.37
C ASN B 226 -7.46 -4.58 -44.13
N CYS B 227 -8.34 -3.75 -43.57
CA CYS B 227 -9.66 -4.14 -43.08
C CYS B 227 -10.76 -3.19 -43.59
N LYS B 228 -11.83 -3.76 -44.11
CA LYS B 228 -12.90 -2.96 -44.69
C LYS B 228 -13.94 -2.55 -43.66
N THR B 229 -14.30 -3.47 -42.76
CA THR B 229 -15.45 -3.29 -41.89
C THR B 229 -15.10 -3.78 -40.52
N ASP B 230 -15.96 -3.48 -39.55
CA ASP B 230 -15.80 -3.98 -38.18
C ASP B 230 -15.95 -5.51 -38.16
N PHE B 231 -16.92 -6.03 -38.90
CA PHE B 231 -17.14 -7.47 -39.05
C PHE B 231 -15.93 -8.20 -39.59
N GLU B 232 -15.27 -7.63 -40.59
CA GLU B 232 -14.01 -8.23 -41.06
C GLU B 232 -12.95 -8.29 -39.95
N VAL B 233 -12.81 -7.22 -39.19
CA VAL B 233 -11.77 -7.13 -38.15
C VAL B 233 -12.02 -8.08 -36.98
N LEU B 234 -13.26 -8.10 -36.49
CA LEU B 234 -13.67 -9.06 -35.47
C LEU B 234 -13.45 -10.48 -35.99
N THR B 235 -13.80 -10.72 -37.25
CA THR B 235 -13.54 -12.02 -37.87
C THR B 235 -12.03 -12.37 -37.83
N LYS B 236 -11.16 -11.41 -38.13
CA LYS B 236 -9.71 -11.64 -38.15
C LYS B 236 -9.19 -12.06 -36.78
N VAL B 237 -9.62 -11.36 -35.73
CA VAL B 237 -9.23 -11.70 -34.38
C VAL B 237 -9.57 -13.15 -34.07
N LEU B 238 -10.77 -13.57 -34.45
CA LEU B 238 -11.25 -14.92 -34.15
C LEU B 238 -10.50 -16.04 -34.84
N GLN B 239 -10.16 -15.86 -36.11
CA GLN B 239 -9.63 -16.97 -36.90
C GLN B 239 -8.15 -16.88 -37.29
N GLU B 240 -7.57 -15.67 -37.35
CA GLU B 240 -6.14 -15.52 -37.63
C GLU B 240 -5.29 -15.89 -36.42
N GLU B 241 -4.02 -16.21 -36.68
CA GLU B 241 -3.04 -16.31 -35.62
C GLU B 241 -2.84 -14.90 -35.00
N PRO B 242 -2.51 -14.85 -33.70
CA PRO B 242 -2.28 -13.54 -33.08
C PRO B 242 -1.12 -12.79 -33.74
N PRO B 243 -1.26 -11.47 -33.92
CA PRO B 243 -0.19 -10.73 -34.56
C PRO B 243 0.88 -10.43 -33.53
N LEU B 244 2.02 -11.12 -33.64
CA LEU B 244 3.17 -10.94 -32.74
C LEU B 244 4.13 -9.85 -33.22
N LEU B 245 5.09 -9.48 -32.37
CA LEU B 245 6.07 -8.48 -32.77
C LEU B 245 6.82 -9.06 -33.96
N PRO B 246 7.09 -8.23 -34.99
CA PRO B 246 7.96 -8.76 -36.03
C PRO B 246 9.39 -8.96 -35.53
N GLY B 247 10.14 -9.89 -36.14
CA GLY B 247 11.46 -10.27 -35.64
C GLY B 247 12.64 -9.53 -36.22
N HIS B 248 12.34 -8.59 -37.11
CA HIS B 248 13.38 -7.84 -37.81
C HIS B 248 13.39 -6.37 -37.44
N MET B 249 12.87 -6.03 -36.27
CA MET B 249 12.90 -4.65 -35.81
C MET B 249 13.74 -4.43 -34.52
N GLY B 250 14.56 -5.42 -34.21
CA GLY B 250 15.49 -5.29 -33.12
C GLY B 250 14.86 -5.45 -31.75
N PHE B 251 13.69 -6.07 -31.65
CA PHE B 251 13.07 -6.26 -30.35
C PHE B 251 13.74 -7.37 -29.56
N SER B 252 13.91 -7.12 -28.26
CA SER B 252 14.54 -8.13 -27.39
C SER B 252 13.73 -9.39 -27.39
N GLY B 253 14.39 -10.51 -27.21
CA GLY B 253 13.71 -11.78 -27.03
C GLY B 253 12.68 -11.79 -25.90
N ASP B 254 13.01 -11.20 -24.77
CA ASP B 254 12.07 -11.20 -23.64
C ASP B 254 10.82 -10.35 -23.94
N PHE B 255 10.98 -9.27 -24.71
CA PHE B 255 9.83 -8.46 -25.18
C PHE B 255 8.91 -9.25 -26.11
N GLN B 256 9.51 -9.98 -27.06
CA GLN B 256 8.77 -10.87 -27.95
C GLN B 256 8.04 -11.99 -27.21
N SER B 257 8.70 -12.57 -26.23
CA SER B 257 8.11 -13.62 -25.41
C SER B 257 6.94 -13.07 -24.60
N PHE B 258 7.12 -11.91 -24.00
CA PHE B 258 6.05 -11.27 -23.22
C PHE B 258 4.77 -11.06 -24.03
N VAL B 259 4.93 -10.47 -25.18
CA VAL B 259 3.82 -10.20 -26.07
C VAL B 259 3.18 -11.50 -26.52
N LYS B 260 3.99 -12.51 -26.85
CA LYS B 260 3.46 -13.77 -27.27
C LYS B 260 2.67 -14.45 -26.16
N ASP B 261 3.17 -14.39 -24.91
CA ASP B 261 2.37 -14.89 -23.79
C ASP B 261 1.02 -14.13 -23.64
N CYS B 262 1.05 -12.80 -23.77
CA CYS B 262 -0.20 -12.00 -23.69
C CYS B 262 -1.18 -12.37 -24.78
N LEU B 263 -0.68 -12.62 -25.98
CA LEU B 263 -1.53 -12.92 -27.13
C LEU B 263 -1.76 -14.40 -27.32
N THR B 264 -1.98 -15.12 -26.22
CA THR B 264 -2.45 -16.49 -26.28
C THR B 264 -3.96 -16.48 -26.55
N LYS B 265 -4.40 -17.08 -27.67
CA LYS B 265 -5.84 -17.06 -28.05
C LYS B 265 -6.70 -17.82 -27.07
N ASP B 266 -6.28 -19.03 -26.72
CA ASP B 266 -7.02 -19.82 -25.72
C ASP B 266 -6.87 -19.13 -24.37
N HIS B 267 -7.95 -18.50 -23.91
CA HIS B 267 -7.90 -17.72 -22.70
C HIS B 267 -7.60 -18.55 -21.45
N ARG B 268 -7.92 -19.83 -21.47
CA ARG B 268 -7.58 -20.72 -20.37
C ARG B 268 -6.06 -20.92 -20.23
N LYS B 269 -5.31 -20.73 -21.31
CA LYS B 269 -3.84 -20.79 -21.28
C LYS B 269 -3.15 -19.42 -21.15
N ARG B 270 -3.91 -18.34 -21.04
CA ARG B 270 -3.30 -17.02 -21.07
C ARG B 270 -2.88 -16.69 -19.62
N PRO B 271 -1.63 -16.22 -19.40
CA PRO B 271 -1.17 -15.91 -18.04
C PRO B 271 -1.99 -14.83 -17.33
N LYS B 272 -2.15 -15.03 -16.04
CA LYS B 272 -2.72 -14.03 -15.17
C LYS B 272 -1.60 -13.08 -14.76
N TYR B 273 -1.97 -12.03 -14.03
CA TYR B 273 -1.05 -10.93 -13.74
C TYR B 273 0.15 -11.36 -12.89
N ASN B 274 -0.10 -12.18 -11.88
CA ASN B 274 0.97 -12.62 -11.00
C ASN B 274 2.03 -13.42 -11.77
N LYS B 275 1.58 -14.22 -12.74
CA LYS B 275 2.48 -14.90 -13.64
C LYS B 275 3.21 -13.91 -14.53
N LEU B 276 2.50 -12.95 -15.12
CA LEU B 276 3.16 -11.91 -15.93
C LEU B 276 4.21 -11.12 -15.17
N LEU B 277 3.95 -10.86 -13.90
CA LEU B 277 4.87 -10.10 -13.07
C LEU B 277 6.19 -10.84 -12.79
N GLU B 278 6.23 -12.16 -13.00
CA GLU B 278 7.47 -12.95 -12.93
C GLU B 278 8.24 -12.95 -14.25
N HIS B 279 7.65 -12.42 -15.32
CA HIS B 279 8.27 -12.54 -16.62
C HIS B 279 9.57 -11.70 -16.66
N SER B 280 10.54 -12.27 -17.33
CA SER B 280 11.84 -11.66 -17.51
C SER B 280 11.81 -10.20 -18.03
N PHE B 281 11.02 -9.94 -19.05
CA PHE B 281 10.74 -8.57 -19.49
C PHE B 281 10.40 -7.60 -18.37
N ILE B 282 9.46 -7.97 -17.54
CA ILE B 282 9.05 -7.09 -16.44
C ILE B 282 10.15 -6.94 -15.38
N LYS B 283 10.80 -8.05 -15.04
CA LYS B 283 11.90 -8.02 -14.06
C LYS B 283 13.02 -7.09 -14.47
N ARG B 284 13.35 -7.16 -15.72
CA ARG B 284 14.36 -6.35 -16.29
C ARG B 284 13.97 -4.86 -16.26
N TYR B 285 12.73 -4.52 -16.62
CA TYR B 285 12.31 -3.11 -16.63
C TYR B 285 11.91 -2.51 -15.29
N GLU B 286 11.60 -3.33 -14.30
CA GLU B 286 11.41 -2.85 -12.92
C GLU B 286 12.58 -2.07 -12.38
N THR B 287 13.78 -2.56 -12.63
CA THR B 287 14.98 -1.98 -12.04
C THR B 287 15.85 -1.23 -13.05
N LEU B 288 15.57 -1.35 -14.33
CA LEU B 288 16.40 -0.67 -15.33
C LEU B 288 16.08 0.82 -15.34
N GLU B 289 17.13 1.62 -15.34
CA GLU B 289 17.01 3.06 -15.30
C GLU B 289 16.72 3.52 -16.71
N VAL B 290 15.54 4.11 -16.90
CA VAL B 290 15.12 4.65 -18.18
C VAL B 290 14.56 6.02 -17.91
N ASP B 291 15.07 7.00 -18.63
CA ASP B 291 14.71 8.38 -18.38
C ASP B 291 13.57 8.73 -19.33
N VAL B 292 12.38 8.31 -18.91
CA VAL B 292 11.15 8.53 -19.66
C VAL B 292 10.90 10.06 -19.79
N ALA B 293 11.15 10.79 -18.71
CA ALA B 293 10.96 12.25 -18.69
C ALA B 293 11.76 12.95 -19.76
N SER B 294 13.06 12.66 -19.81
CA SER B 294 13.94 13.26 -20.80
C SER B 294 13.54 12.84 -22.20
N TRP B 295 13.16 11.59 -22.37
CA TRP B 295 12.65 11.12 -23.66
C TRP B 295 11.43 11.88 -24.10
N PHE B 296 10.42 11.91 -23.22
CA PHE B 296 9.18 12.66 -23.46
C PHE B 296 9.51 14.10 -23.90
N LYS B 297 10.45 14.73 -23.19
CA LYS B 297 10.86 16.09 -23.50
C LYS B 297 11.77 16.19 -24.76
N ASP B 298 12.70 15.25 -24.92
CA ASP B 298 13.54 15.13 -26.15
C ASP B 298 12.66 14.92 -27.40
N VAL B 299 11.60 14.12 -27.26
CA VAL B 299 10.56 13.96 -28.29
C VAL B 299 9.94 15.29 -28.69
N MET B 300 9.46 16.06 -27.72
CA MET B 300 8.77 17.33 -28.03
C MET B 300 9.68 18.37 -28.70
N ALA B 301 10.97 18.34 -28.32
CA ALA B 301 11.98 19.32 -28.80
C ALA B 301 12.76 18.88 -30.07
N LYS B 302 12.51 17.64 -30.54
CA LYS B 302 13.22 17.08 -31.69
C LYS B 302 12.89 17.87 -32.96
N THR B 303 13.94 18.38 -33.63
CA THR B 303 13.80 19.22 -34.81
C THR B 303 13.98 18.47 -36.14
N GLU B 304 14.62 17.29 -36.13
CA GLU B 304 14.70 16.44 -37.34
C GLU B 304 13.31 15.81 -37.62
N SER B 305 12.81 16.00 -38.85
CA SER B 305 11.42 15.69 -39.25
C SER B 305 11.05 14.20 -39.17
#